data_8F58
#
_entry.id   8F58
#
_cell.length_a   175.401
_cell.length_b   175.401
_cell.length_c   123.517
_cell.angle_alpha   90.00
_cell.angle_beta   90.00
_cell.angle_gamma   120.00
#
_symmetry.space_group_name_H-M   'H 3 2'
#
loop_
_entity.id
_entity.type
_entity.pdbx_description
1 polymer 'N-acetyltransferase Eis'
2 non-polymer 'DIMETHYL SULFOXIDE'
3 non-polymer GLYCEROL
4 non-polymer (1E)-1-[(4-chlorophenyl)methylidene]-2-(4-fluorophenyl)hydrazine
5 non-polymer DI(HYDROXYETHYL)ETHER
6 water water
#
_entity_poly.entity_id   1
_entity_poly.type   'polypeptide(L)'
_entity_poly.pdbx_seq_one_letter_code
;MGSSHHHHHHSSGLVPRGSHMTVTLCSPTEDDWPGMFLLAAASFTDFIGPESATAWRTLVPTDGAVVVRDGAGPGSEVVG
MALYMDLRLTVPGEVVLPTAGLSFVAVAPTHRRRGLLRAMCAELHRRIADSGYPVAALHASEGGIYGRFGYGPATTLHEL
TVDRRFARFHADAPGGGLGGSSVRLVRPTEHRGEFEAIYERWRQQVPGGLLRPQVLWDELLAEAKAAPGGDRESFALLHP
DGYALYRVDRTDLKLARVSELRAVTADAHCALWRALIGLDSMERISIITHPQDPLPHLLTDTRLARTTWRQDGLWLRIMN
VPAALEARGYAHEVGEFSTVLEVSDGGRFALKIGDGRARCTPTDAAAEIEMDRDVLGSLYLGAHRASTLAAANRLRTKDS
QLLRRLDAAFASDVPVQTAFEF
;
_entity_poly.pdbx_strand_id   A
#
loop_
_chem_comp.id
_chem_comp.type
_chem_comp.name
_chem_comp.formula
DMS non-polymer 'DIMETHYL SULFOXIDE' 'C2 H6 O S'
GOL non-polymer GLYCEROL 'C3 H8 O3'
PEG non-polymer DI(HYDROXYETHYL)ETHER 'C4 H10 O3'
XEH non-polymer (1E)-1-[(4-chlorophenyl)methylidene]-2-(4-fluorophenyl)hydrazine 'C13 H10 Cl F N2'
#
# COMPACT_ATOMS: atom_id res chain seq x y z
N VAL A 23 -1.60 13.31 31.66
CA VAL A 23 -1.73 12.69 30.30
C VAL A 23 -2.73 11.53 30.39
N THR A 24 -3.95 11.74 29.91
CA THR A 24 -5.01 10.69 29.82
C THR A 24 -5.36 10.47 28.34
N LEU A 25 -5.86 9.28 28.00
CA LEU A 25 -6.13 8.86 26.60
C LEU A 25 -7.63 8.69 26.39
N CYS A 26 -8.23 9.34 25.39
CA CYS A 26 -9.70 9.29 25.15
C CYS A 26 -10.03 9.57 23.68
N SER A 27 -11.26 9.25 23.28
CA SER A 27 -11.81 9.57 21.93
C SER A 27 -12.01 11.08 21.82
N PRO A 28 -11.61 11.72 20.71
CA PRO A 28 -11.75 13.17 20.57
C PRO A 28 -13.21 13.62 20.47
N THR A 29 -13.51 14.80 21.03
CA THR A 29 -14.81 15.51 20.87
C THR A 29 -14.68 16.47 19.69
N GLU A 30 -15.76 17.14 19.27
CA GLU A 30 -15.68 18.08 18.12
C GLU A 30 -14.71 19.23 18.49
N ASP A 31 -14.64 19.57 19.79
CA ASP A 31 -13.77 20.63 20.38
C ASP A 31 -12.28 20.31 20.19
N ASP A 32 -11.93 19.02 20.10
CA ASP A 32 -10.52 18.54 20.06
C ASP A 32 -9.92 18.76 18.67
N TRP A 33 -10.73 18.93 17.62
CA TRP A 33 -10.24 18.81 16.22
C TRP A 33 -9.37 20.02 15.83
N PRO A 34 -9.60 21.28 16.29
CA PRO A 34 -8.61 22.34 16.01
C PRO A 34 -7.22 22.05 16.62
N GLY A 35 -7.14 21.54 17.86
CA GLY A 35 -5.88 21.08 18.48
C GLY A 35 -5.21 19.97 17.68
N MET A 36 -6.02 19.08 17.09
CA MET A 36 -5.51 17.92 16.31
C MET A 36 -4.93 18.45 14.99
N PHE A 37 -5.61 19.38 14.32
CA PHE A 37 -5.12 20.08 13.10
C PHE A 37 -3.83 20.85 13.39
N LEU A 38 -3.69 21.46 14.57
CA LEU A 38 -2.45 22.18 14.95
C LEU A 38 -1.30 21.18 15.03
N LEU A 39 -1.48 20.10 15.78
CA LEU A 39 -0.46 19.03 15.92
C LEU A 39 -0.13 18.44 14.53
N ALA A 40 -1.13 18.28 13.66
CA ALA A 40 -0.97 17.72 12.29
C ALA A 40 -0.08 18.65 11.46
N ALA A 41 -0.47 19.92 11.40
CA ALA A 41 0.28 21.01 10.72
C ALA A 41 1.73 21.01 11.18
N ALA A 42 2.00 20.90 12.49
CA ALA A 42 3.38 20.94 13.04
C ALA A 42 4.10 19.61 12.77
N SER A 43 3.37 18.53 12.50
CA SER A 43 3.93 17.15 12.49
C SER A 43 4.18 16.65 11.06
N PHE A 44 3.36 17.08 10.11
CA PHE A 44 3.35 16.62 8.69
C PHE A 44 3.58 17.82 7.78
N THR A 45 4.72 17.83 7.06
CA THR A 45 5.10 18.94 6.15
C THR A 45 4.12 18.91 4.97
N ASP A 46 3.85 17.71 4.46
CA ASP A 46 2.86 17.45 3.37
C ASP A 46 1.43 17.54 3.93
N PHE A 47 1.16 18.37 4.95
CA PHE A 47 -0.17 18.41 5.62
C PHE A 47 -1.19 18.86 4.57
N ILE A 48 -2.22 18.04 4.35
CA ILE A 48 -3.27 18.23 3.31
C ILE A 48 -4.11 19.48 3.65
N GLY A 49 -4.13 19.89 4.93
CA GLY A 49 -4.85 21.09 5.42
C GLY A 49 -6.20 20.71 6.01
N PRO A 50 -6.85 21.63 6.78
CA PRO A 50 -8.10 21.33 7.50
C PRO A 50 -9.28 20.87 6.63
N GLU A 51 -9.47 21.46 5.45
CA GLU A 51 -10.61 21.12 4.56
C GLU A 51 -10.42 19.71 3.99
N SER A 52 -9.23 19.42 3.47
CA SER A 52 -8.87 18.07 2.95
C SER A 52 -8.96 17.03 4.08
N ALA A 53 -8.47 17.35 5.27
CA ALA A 53 -8.52 16.48 6.47
C ALA A 53 -9.98 16.16 6.85
N THR A 54 -10.89 17.12 6.74
CA THR A 54 -12.35 16.94 7.03
C THR A 54 -12.96 15.98 6.02
N ALA A 55 -12.47 15.97 4.77
CA ALA A 55 -12.90 14.99 3.75
C ALA A 55 -12.46 13.58 4.17
N TRP A 56 -11.19 13.41 4.57
CA TRP A 56 -10.65 12.10 5.03
C TRP A 56 -11.38 11.63 6.30
N ARG A 57 -11.77 12.55 7.18
CA ARG A 57 -12.50 12.24 8.45
C ARG A 57 -13.73 11.37 8.17
N THR A 58 -14.38 11.55 7.02
CA THR A 58 -15.57 10.74 6.60
C THR A 58 -15.22 9.25 6.56
N LEU A 59 -13.93 8.86 6.45
CA LEU A 59 -13.49 7.44 6.40
C LEU A 59 -13.16 6.93 7.81
N VAL A 60 -13.16 7.83 8.79
CA VAL A 60 -12.85 7.45 10.21
C VAL A 60 -14.16 7.03 10.89
N PRO A 61 -14.28 5.76 11.33
CA PRO A 61 -15.48 5.32 12.04
C PRO A 61 -15.59 6.00 13.40
N THR A 62 -16.82 6.12 13.92
CA THR A 62 -17.07 6.45 15.36
C THR A 62 -16.14 5.60 16.23
N ASP A 63 -15.37 6.22 17.13
CA ASP A 63 -14.38 5.52 17.99
C ASP A 63 -13.17 5.03 17.16
N GLY A 64 -12.95 5.59 15.98
CA GLY A 64 -11.74 5.32 15.17
C GLY A 64 -10.55 6.19 15.55
N ALA A 65 -10.70 7.14 16.48
CA ALA A 65 -9.65 8.12 16.85
C ALA A 65 -9.42 8.15 18.35
N VAL A 66 -8.16 8.36 18.74
CA VAL A 66 -7.73 8.66 20.14
C VAL A 66 -6.88 9.93 20.14
N VAL A 67 -6.99 10.67 21.24
CA VAL A 67 -6.14 11.85 21.55
C VAL A 67 -5.60 11.68 22.96
N VAL A 68 -4.46 12.29 23.20
CA VAL A 68 -3.86 12.43 24.56
C VAL A 68 -3.86 13.92 24.87
N ARG A 69 -4.46 14.31 25.98
CA ARG A 69 -4.43 15.71 26.47
C ARG A 69 -3.50 15.76 27.69
N ASP A 70 -2.88 16.91 27.95
CA ASP A 70 -1.94 17.05 29.11
C ASP A 70 -2.72 17.56 30.33
N SER A 76 -7.33 21.87 28.21
CA SER A 76 -5.99 21.26 27.99
C SER A 76 -5.72 21.16 26.48
N GLU A 77 -4.47 20.87 26.09
CA GLU A 77 -4.06 20.82 24.65
C GLU A 77 -3.77 19.38 24.23
N VAL A 78 -3.82 19.15 22.91
CA VAL A 78 -3.64 17.81 22.28
C VAL A 78 -2.13 17.62 22.06
N VAL A 79 -1.56 16.61 22.71
CA VAL A 79 -0.11 16.28 22.66
C VAL A 79 0.10 14.93 21.96
N GLY A 80 -0.98 14.25 21.58
CA GLY A 80 -0.94 12.92 20.97
C GLY A 80 -2.23 12.62 20.23
N MET A 81 -2.15 12.05 19.03
CA MET A 81 -3.35 11.58 18.32
C MET A 81 -2.99 10.38 17.44
N ALA A 82 -4.01 9.60 17.14
CA ALA A 82 -3.96 8.46 16.20
C ALA A 82 -5.39 8.08 15.84
N LEU A 83 -5.59 7.65 14.60
CA LEU A 83 -6.90 7.18 14.14
C LEU A 83 -6.71 6.07 13.13
N TYR A 84 -7.82 5.41 12.80
CA TYR A 84 -7.86 4.42 11.69
C TYR A 84 -9.06 4.75 10.83
N MET A 85 -8.93 4.37 9.57
CA MET A 85 -9.99 4.52 8.54
C MET A 85 -10.46 3.13 8.15
N ASP A 86 -11.74 3.04 7.80
CA ASP A 86 -12.35 1.80 7.27
C ASP A 86 -11.92 1.65 5.81
N LEU A 87 -11.07 0.67 5.50
CA LEU A 87 -10.59 0.42 4.12
C LEU A 87 -10.95 -1.00 3.68
N ARG A 88 -10.83 -1.25 2.37
CA ARG A 88 -11.05 -2.56 1.70
C ARG A 88 -9.79 -2.88 0.90
N LEU A 89 -9.05 -3.89 1.36
CA LEU A 89 -7.75 -4.32 0.79
C LEU A 89 -7.95 -5.64 0.06
N THR A 90 -7.45 -5.69 -1.17
CA THR A 90 -7.43 -6.90 -2.03
C THR A 90 -6.18 -7.70 -1.67
N VAL A 91 -6.35 -8.99 -1.44
CA VAL A 91 -5.23 -9.92 -1.10
C VAL A 91 -5.23 -11.00 -2.17
N PRO A 92 -4.15 -11.81 -2.27
CA PRO A 92 -4.06 -12.84 -3.32
C PRO A 92 -5.30 -13.75 -3.36
N GLY A 93 -5.72 -14.11 -4.57
CA GLY A 93 -6.99 -14.81 -4.83
C GLY A 93 -8.14 -13.84 -5.05
N GLU A 94 -7.87 -12.55 -5.23
CA GLU A 94 -8.92 -11.53 -5.53
C GLU A 94 -9.93 -11.43 -4.38
N VAL A 95 -9.49 -11.71 -3.16
CA VAL A 95 -10.31 -11.61 -1.93
C VAL A 95 -10.12 -10.22 -1.32
N VAL A 96 -11.22 -9.58 -0.94
CA VAL A 96 -11.25 -8.22 -0.35
C VAL A 96 -11.47 -8.33 1.17
N LEU A 97 -10.54 -7.79 1.97
CA LEU A 97 -10.63 -7.81 3.45
C LEU A 97 -11.01 -6.43 3.97
N PRO A 98 -11.92 -6.35 4.98
CA PRO A 98 -12.06 -5.12 5.75
C PRO A 98 -10.69 -4.86 6.42
N THR A 99 -10.20 -3.64 6.31
CA THR A 99 -8.84 -3.28 6.77
C THR A 99 -8.88 -1.96 7.51
N ALA A 100 -8.27 -1.92 8.69
CA ALA A 100 -8.12 -0.69 9.50
C ALA A 100 -6.85 0.03 9.06
N GLY A 101 -6.98 1.19 8.42
CA GLY A 101 -5.82 1.98 7.96
C GLY A 101 -5.42 3.03 8.98
N LEU A 102 -4.36 2.78 9.75
CA LEU A 102 -3.82 3.75 10.75
C LEU A 102 -3.26 4.96 9.99
N SER A 103 -3.50 6.16 10.52
CA SER A 103 -3.11 7.44 9.90
C SER A 103 -3.19 8.58 10.91
N PHE A 104 -2.63 9.74 10.59
CA PHE A 104 -2.73 10.97 11.42
C PHE A 104 -2.14 10.64 12.81
N VAL A 105 -1.06 9.86 12.84
CA VAL A 105 -0.38 9.45 14.10
C VAL A 105 0.70 10.49 14.40
N ALA A 106 0.62 11.15 15.54
CA ALA A 106 1.53 12.26 15.87
C ALA A 106 1.65 12.38 17.38
N VAL A 107 2.88 12.60 17.83
CA VAL A 107 3.17 12.98 19.22
C VAL A 107 3.82 14.36 19.19
N ALA A 108 3.36 15.28 20.05
CA ALA A 108 3.92 16.64 20.19
C ALA A 108 5.43 16.55 20.48
N PRO A 109 6.23 17.45 19.87
CA PRO A 109 7.69 17.44 20.06
C PRO A 109 8.05 17.72 21.52
N THR A 110 7.10 18.30 22.26
CA THR A 110 7.18 18.57 23.72
C THR A 110 6.97 17.31 24.57
N HIS A 111 6.52 16.18 24.00
CA HIS A 111 6.14 14.95 24.77
C HIS A 111 6.75 13.68 24.17
N ARG A 112 7.90 13.78 23.51
CA ARG A 112 8.69 12.59 23.08
C ARG A 112 9.05 11.75 24.31
N ARG A 113 9.28 10.46 24.10
CA ARG A 113 9.86 9.51 25.10
C ARG A 113 8.98 9.42 26.36
N ARG A 114 7.65 9.58 26.27
CA ARG A 114 6.74 9.40 27.43
C ARG A 114 5.78 8.24 27.19
N GLY A 115 6.07 7.37 26.21
CA GLY A 115 5.27 6.18 25.88
C GLY A 115 3.92 6.50 25.25
N LEU A 116 3.73 7.70 24.67
CA LEU A 116 2.41 8.13 24.14
C LEU A 116 2.02 7.29 22.91
N LEU A 117 2.98 6.98 22.04
CA LEU A 117 2.71 6.19 20.82
C LEU A 117 2.31 4.76 21.20
N ARG A 118 3.06 4.12 22.12
CA ARG A 118 2.78 2.75 22.63
C ARG A 118 1.35 2.73 23.21
N ALA A 119 0.96 3.74 23.98
CA ALA A 119 -0.37 3.82 24.64
C ALA A 119 -1.46 3.97 23.58
N MET A 120 -1.25 4.85 22.59
CA MET A 120 -2.26 5.11 21.53
C MET A 120 -2.39 3.88 20.61
N CYS A 121 -1.28 3.23 20.24
CA CYS A 121 -1.29 2.05 19.33
C CYS A 121 -1.98 0.89 20.05
N ALA A 122 -1.75 0.72 21.34
CA ALA A 122 -2.36 -0.35 22.16
C ALA A 122 -3.88 -0.14 22.19
N GLU A 123 -4.34 1.09 22.42
CA GLU A 123 -5.79 1.37 22.51
C GLU A 123 -6.45 1.14 21.15
N LEU A 124 -5.87 1.63 20.05
CA LEU A 124 -6.51 1.48 18.71
C LEU A 124 -6.54 0.00 18.31
N HIS A 125 -5.48 -0.74 18.59
CA HIS A 125 -5.37 -2.19 18.27
C HIS A 125 -6.45 -2.98 19.02
N ARG A 126 -6.72 -2.63 20.28
CA ARG A 126 -7.81 -3.22 21.10
C ARG A 126 -9.14 -3.00 20.37
N ARG A 127 -9.41 -1.74 20.00
CA ARG A 127 -10.66 -1.35 19.29
C ARG A 127 -10.73 -2.06 17.94
N ILE A 128 -9.62 -2.12 17.22
CA ILE A 128 -9.62 -2.68 15.84
C ILE A 128 -9.96 -4.17 15.94
N ALA A 129 -9.32 -4.88 16.87
CA ALA A 129 -9.48 -6.33 17.13
C ALA A 129 -10.92 -6.61 17.57
N ASP A 130 -11.46 -5.84 18.53
CA ASP A 130 -12.84 -6.01 19.05
C ASP A 130 -13.86 -5.74 17.93
N SER A 131 -13.53 -4.83 17.01
CA SER A 131 -14.45 -4.41 15.92
C SER A 131 -14.57 -5.52 14.86
N GLY A 132 -13.62 -6.47 14.81
CA GLY A 132 -13.67 -7.60 13.86
C GLY A 132 -12.77 -7.44 12.63
N TYR A 133 -11.82 -6.49 12.61
CA TYR A 133 -10.87 -6.34 11.48
C TYR A 133 -9.83 -7.47 11.55
N PRO A 134 -9.62 -8.23 10.47
CA PRO A 134 -8.58 -9.24 10.43
C PRO A 134 -7.16 -8.70 10.27
N VAL A 135 -7.02 -7.53 9.63
CA VAL A 135 -5.71 -6.90 9.38
C VAL A 135 -5.84 -5.38 9.61
N ALA A 136 -4.73 -4.77 10.03
CA ALA A 136 -4.52 -3.31 10.03
C ALA A 136 -3.38 -3.01 9.08
N ALA A 137 -3.37 -1.80 8.51
CA ALA A 137 -2.33 -1.35 7.56
C ALA A 137 -1.95 0.10 7.83
N LEU A 138 -0.74 0.45 7.41
CA LEU A 138 -0.27 1.85 7.40
C LEU A 138 0.86 2.08 6.40
N HIS A 139 1.11 3.36 6.11
CA HIS A 139 2.32 3.89 5.44
C HIS A 139 3.22 4.49 6.52
N ALA A 140 4.49 4.06 6.57
CA ALA A 140 5.43 4.44 7.65
C ALA A 140 6.21 5.70 7.25
N SER A 141 6.27 6.68 8.15
CA SER A 141 7.13 7.89 7.99
C SER A 141 8.61 7.51 8.16
N GLU A 142 8.90 6.51 8.99
CA GLU A 142 10.27 5.96 9.21
C GLU A 142 10.17 4.42 9.26
N GLY A 143 11.27 3.71 8.95
CA GLY A 143 11.26 2.25 8.82
C GLY A 143 11.51 1.51 10.13
N GLY A 144 11.92 2.18 11.21
CA GLY A 144 12.46 1.53 12.44
C GLY A 144 11.48 1.54 13.59
N ILE A 145 10.25 1.98 13.33
CA ILE A 145 9.23 2.27 14.37
C ILE A 145 8.22 1.12 14.49
N TYR A 146 7.58 0.72 13.40
CA TYR A 146 6.31 -0.05 13.54
C TYR A 146 6.54 -1.56 13.61
N GLY A 147 7.75 -2.06 13.35
CA GLY A 147 8.05 -3.49 13.57
C GLY A 147 7.66 -3.95 14.97
N ARG A 148 7.90 -3.11 15.99
CA ARG A 148 7.68 -3.47 17.42
C ARG A 148 6.18 -3.60 17.71
N PHE A 149 5.30 -2.96 16.94
CA PHE A 149 3.83 -3.02 17.14
C PHE A 149 3.20 -4.08 16.22
N GLY A 150 4.02 -4.92 15.59
CA GLY A 150 3.58 -6.08 14.79
C GLY A 150 3.34 -5.78 13.31
N TYR A 151 3.73 -4.60 12.82
CA TYR A 151 3.58 -4.25 11.39
C TYR A 151 4.83 -4.67 10.62
N GLY A 152 4.61 -5.33 9.48
CA GLY A 152 5.69 -5.71 8.56
C GLY A 152 5.47 -5.07 7.20
N PRO A 153 6.54 -4.61 6.53
CA PRO A 153 6.41 -4.04 5.20
C PRO A 153 5.94 -5.12 4.21
N ALA A 154 4.86 -4.86 3.47
CA ALA A 154 4.13 -5.91 2.70
C ALA A 154 4.13 -5.62 1.19
N THR A 155 4.44 -4.38 0.79
CA THR A 155 4.60 -3.97 -0.62
C THR A 155 5.90 -3.16 -0.78
N THR A 156 6.38 -3.11 -2.02
CA THR A 156 7.65 -2.44 -2.36
C THR A 156 7.39 -1.40 -3.46
N LEU A 157 7.73 -0.15 -3.16
CA LEU A 157 7.74 0.95 -4.16
C LEU A 157 9.08 0.94 -4.89
N HIS A 158 9.00 1.10 -6.19
CA HIS A 158 10.13 1.02 -7.14
C HIS A 158 9.95 2.21 -8.08
N GLU A 159 10.79 3.24 -7.96
CA GLU A 159 10.80 4.35 -8.93
C GLU A 159 11.62 3.94 -10.14
N LEU A 160 11.02 4.04 -11.31
CA LEU A 160 11.69 3.97 -12.63
C LEU A 160 11.78 5.36 -13.21
N THR A 161 12.97 5.69 -13.72
CA THR A 161 13.21 6.89 -14.54
C THR A 161 13.64 6.42 -15.93
N VAL A 162 12.89 6.79 -16.96
CA VAL A 162 13.20 6.43 -18.37
C VAL A 162 13.83 7.65 -19.05
N ASP A 163 15.06 7.53 -19.57
CA ASP A 163 15.59 8.56 -20.52
C ASP A 163 14.91 8.28 -21.86
N ARG A 164 13.80 8.97 -22.09
CA ARG A 164 12.87 8.67 -23.21
C ARG A 164 13.48 9.09 -24.54
N ARG A 165 14.58 9.85 -24.56
CA ARG A 165 15.20 10.26 -25.85
C ARG A 165 15.80 9.04 -26.55
N PHE A 166 16.13 7.99 -25.82
CA PHE A 166 16.80 6.78 -26.37
C PHE A 166 15.83 5.61 -26.51
N ALA A 167 14.62 5.76 -25.96
CA ALA A 167 13.66 4.64 -25.78
C ALA A 167 13.09 4.25 -27.15
N ARG A 168 13.27 2.99 -27.53
CA ARG A 168 12.63 2.38 -28.71
C ARG A 168 11.88 1.14 -28.24
N PHE A 169 10.64 0.98 -28.67
CA PHE A 169 9.85 -0.24 -28.38
C PHE A 169 10.38 -1.42 -29.19
N HIS A 170 10.41 -2.56 -28.52
CA HIS A 170 10.77 -3.90 -29.06
C HIS A 170 9.74 -4.29 -30.13
N ALA A 171 10.18 -4.98 -31.19
CA ALA A 171 9.35 -5.56 -32.26
C ALA A 171 8.17 -6.33 -31.65
N ASP A 172 8.37 -7.02 -30.51
CA ASP A 172 7.33 -7.87 -29.88
C ASP A 172 6.28 -7.06 -29.12
N ALA A 173 6.54 -5.80 -28.75
CA ALA A 173 5.67 -5.01 -27.85
C ALA A 173 4.32 -4.78 -28.51
N PRO A 174 3.17 -4.91 -27.79
CA PRO A 174 1.86 -4.66 -28.40
C PRO A 174 1.70 -3.24 -28.97
N GLY A 175 0.89 -3.10 -30.01
CA GLY A 175 0.64 -1.82 -30.71
C GLY A 175 1.68 -1.55 -31.77
N SER A 181 -4.03 4.37 -32.80
CA SER A 181 -3.87 5.18 -31.57
C SER A 181 -5.16 5.12 -30.74
N SER A 182 -5.16 4.26 -29.71
CA SER A 182 -6.32 4.03 -28.81
C SER A 182 -6.27 4.95 -27.58
N VAL A 183 -5.18 5.73 -27.41
CA VAL A 183 -4.96 6.60 -26.20
C VAL A 183 -5.30 8.03 -26.57
N ARG A 184 -6.01 8.75 -25.69
CA ARG A 184 -6.37 10.18 -25.89
C ARG A 184 -5.72 11.01 -24.79
N LEU A 185 -5.23 12.19 -25.16
CA LEU A 185 -4.74 13.17 -24.17
C LEU A 185 -5.93 13.98 -23.69
N VAL A 186 -6.21 13.99 -22.38
CA VAL A 186 -7.47 14.63 -21.88
C VAL A 186 -7.22 15.42 -20.60
N ARG A 187 -8.18 16.28 -20.26
N ARG A 187 -8.20 16.25 -20.25
CA ARG A 187 -8.24 17.03 -18.97
CA ARG A 187 -8.28 17.01 -18.97
C ARG A 187 -8.81 16.08 -17.92
C ARG A 187 -8.82 16.05 -17.92
N PRO A 188 -8.06 15.76 -16.83
CA PRO A 188 -8.56 14.88 -15.78
C PRO A 188 -9.99 15.15 -15.26
N THR A 189 -10.32 16.42 -14.98
CA THR A 189 -11.64 16.82 -14.39
C THR A 189 -12.79 16.35 -15.27
N GLU A 190 -12.57 16.15 -16.57
CA GLU A 190 -13.65 15.87 -17.56
C GLU A 190 -13.87 14.38 -17.76
N HIS A 191 -13.07 13.50 -17.13
CA HIS A 191 -13.15 12.03 -17.39
C HIS A 191 -13.08 11.23 -16.08
N ARG A 192 -13.68 11.77 -15.02
CA ARG A 192 -13.69 11.19 -13.66
C ARG A 192 -14.34 9.80 -13.69
N GLY A 193 -15.57 9.72 -14.23
CA GLY A 193 -16.30 8.45 -14.40
C GLY A 193 -15.42 7.36 -14.99
N GLU A 194 -14.64 7.70 -16.01
CA GLU A 194 -13.84 6.70 -16.78
C GLU A 194 -12.67 6.24 -15.90
N PHE A 195 -12.01 7.18 -15.20
CA PHE A 195 -10.91 6.88 -14.25
C PHE A 195 -11.43 5.95 -13.15
N GLU A 196 -12.60 6.30 -12.61
CA GLU A 196 -13.22 5.59 -11.45
C GLU A 196 -13.50 4.14 -11.84
N ALA A 197 -14.08 3.92 -13.03
CA ALA A 197 -14.43 2.59 -13.54
C ALA A 197 -13.17 1.75 -13.78
N ILE A 198 -12.12 2.34 -14.35
CA ILE A 198 -10.85 1.61 -14.62
C ILE A 198 -10.21 1.22 -13.28
N TYR A 199 -10.14 2.16 -12.34
CA TYR A 199 -9.48 1.97 -11.03
C TYR A 199 -10.22 0.85 -10.28
N GLU A 200 -11.55 0.88 -10.28
CA GLU A 200 -12.43 -0.13 -9.62
C GLU A 200 -12.11 -1.53 -10.17
N ARG A 201 -11.95 -1.68 -11.48
CA ARG A 201 -11.56 -2.99 -12.11
C ARG A 201 -10.13 -3.34 -11.68
N TRP A 202 -9.24 -2.36 -11.63
CA TRP A 202 -7.82 -2.54 -11.24
C TRP A 202 -7.71 -3.08 -9.81
N ARG A 203 -8.41 -2.46 -8.86
CA ARG A 203 -8.19 -2.69 -7.41
C ARG A 203 -8.76 -4.05 -7.00
N GLN A 204 -9.80 -4.53 -7.69
CA GLN A 204 -10.41 -5.87 -7.44
C GLN A 204 -9.51 -6.99 -7.96
N GLN A 205 -8.63 -6.71 -8.92
CA GLN A 205 -7.78 -7.75 -9.55
C GLN A 205 -6.40 -7.85 -8.90
N VAL A 206 -5.96 -6.85 -8.15
CA VAL A 206 -4.50 -6.75 -7.78
C VAL A 206 -4.35 -6.80 -6.27
N PRO A 207 -3.51 -7.70 -5.72
CA PRO A 207 -3.15 -7.59 -4.30
C PRO A 207 -2.47 -6.26 -3.99
N GLY A 208 -2.86 -5.66 -2.86
CA GLY A 208 -2.54 -4.28 -2.49
C GLY A 208 -3.60 -3.30 -2.93
N GLY A 209 -4.55 -3.71 -3.78
CA GLY A 209 -5.61 -2.81 -4.27
C GLY A 209 -6.45 -2.31 -3.11
N LEU A 210 -6.83 -1.03 -3.13
CA LEU A 210 -7.75 -0.44 -2.13
C LEU A 210 -8.94 0.16 -2.85
N LEU A 211 -10.14 -0.03 -2.32
CA LEU A 211 -11.34 0.75 -2.70
C LEU A 211 -10.97 2.22 -2.52
N ARG A 212 -11.24 3.04 -3.53
CA ARG A 212 -11.03 4.50 -3.42
C ARG A 212 -12.41 5.15 -3.34
N PRO A 213 -12.85 5.65 -2.16
CA PRO A 213 -14.17 6.26 -2.04
C PRO A 213 -14.28 7.63 -2.72
N GLN A 214 -15.51 8.14 -2.89
CA GLN A 214 -15.82 9.40 -3.60
C GLN A 214 -14.95 10.55 -3.06
N VAL A 215 -14.84 10.71 -1.74
CA VAL A 215 -14.10 11.85 -1.14
C VAL A 215 -12.64 11.85 -1.63
N LEU A 216 -12.05 10.68 -1.93
CA LEU A 216 -10.63 10.59 -2.34
C LEU A 216 -10.48 10.91 -3.83
N TRP A 217 -11.48 10.58 -4.65
CA TRP A 217 -11.59 11.09 -6.04
C TRP A 217 -11.79 12.61 -6.04
N ASP A 218 -12.65 13.16 -5.17
CA ASP A 218 -12.77 14.63 -5.00
C ASP A 218 -11.36 15.20 -4.73
N GLU A 219 -10.61 14.61 -3.79
CA GLU A 219 -9.28 15.15 -3.40
C GLU A 219 -8.29 14.96 -4.55
N LEU A 220 -8.31 13.83 -5.26
CA LEU A 220 -7.34 13.55 -6.35
C LEU A 220 -7.50 14.58 -7.47
N LEU A 221 -8.72 14.85 -7.93
CA LEU A 221 -8.97 15.72 -9.11
C LEU A 221 -8.83 17.21 -8.76
N ALA A 222 -8.73 17.53 -7.46
CA ALA A 222 -8.40 18.89 -6.96
C ALA A 222 -6.87 19.11 -6.98
N GLU A 223 -6.06 18.07 -6.69
CA GLU A 223 -4.56 18.12 -6.81
C GLU A 223 -4.12 18.13 -8.29
N ALA A 224 -5.04 17.96 -9.24
CA ALA A 224 -4.76 17.94 -10.70
C ALA A 224 -4.73 19.36 -11.25
N LYS A 225 -5.22 20.33 -10.47
CA LYS A 225 -5.17 21.79 -10.77
C LYS A 225 -3.74 22.31 -10.54
N ALA A 226 -3.25 23.19 -11.43
CA ALA A 226 -2.05 24.03 -11.21
C ALA A 226 -2.30 24.95 -10.00
N ALA A 227 -1.32 25.04 -9.10
CA ALA A 227 -1.33 25.91 -7.90
C ALA A 227 -0.34 27.06 -8.13
N PRO A 228 -0.70 28.35 -7.83
CA PRO A 228 0.27 29.44 -7.98
C PRO A 228 1.47 29.23 -7.03
N GLY A 229 2.67 29.07 -7.59
CA GLY A 229 3.93 28.86 -6.85
C GLY A 229 4.14 27.41 -6.41
N GLY A 230 3.25 26.50 -6.80
CA GLY A 230 3.31 25.06 -6.46
C GLY A 230 3.31 24.18 -7.70
N ASP A 231 2.63 23.03 -7.63
CA ASP A 231 2.63 21.99 -8.70
C ASP A 231 2.01 22.55 -9.98
N ARG A 232 2.48 22.08 -11.13
CA ARG A 232 1.97 22.48 -12.47
C ARG A 232 0.69 21.71 -12.77
N GLU A 233 0.03 22.01 -13.88
CA GLU A 233 -1.24 21.35 -14.27
C GLU A 233 -1.00 19.88 -14.60
N SER A 234 -1.95 19.00 -14.24
CA SER A 234 -1.91 17.55 -14.58
C SER A 234 -2.67 17.30 -15.88
N PHE A 235 -2.16 16.37 -16.67
CA PHE A 235 -2.84 15.86 -17.89
C PHE A 235 -3.11 14.38 -17.68
N ALA A 236 -4.03 13.84 -18.45
CA ALA A 236 -4.36 12.40 -18.44
C ALA A 236 -4.16 11.83 -19.84
N LEU A 237 -3.71 10.59 -19.87
CA LEU A 237 -3.70 9.71 -21.06
C LEU A 237 -4.72 8.63 -20.77
N LEU A 238 -5.74 8.51 -21.62
CA LEU A 238 -6.95 7.70 -21.35
C LEU A 238 -7.10 6.67 -22.45
N HIS A 239 -7.10 5.40 -22.03
CA HIS A 239 -7.37 4.20 -22.85
C HIS A 239 -8.65 3.56 -22.32
N PRO A 240 -9.38 2.78 -23.14
CA PRO A 240 -10.56 2.05 -22.65
C PRO A 240 -10.30 1.21 -21.38
N ASP A 241 -9.05 0.74 -21.18
CA ASP A 241 -8.65 -0.25 -20.15
C ASP A 241 -7.44 0.25 -19.34
N GLY A 242 -7.22 1.56 -19.26
CA GLY A 242 -6.08 2.14 -18.53
C GLY A 242 -6.05 3.65 -18.59
N TYR A 243 -5.42 4.29 -17.61
CA TYR A 243 -5.17 5.75 -17.61
C TYR A 243 -3.82 6.01 -16.93
N ALA A 244 -3.21 7.14 -17.29
CA ALA A 244 -2.01 7.70 -16.64
C ALA A 244 -2.26 9.18 -16.36
N LEU A 245 -2.01 9.62 -15.12
CA LEU A 245 -2.01 11.05 -14.75
C LEU A 245 -0.56 11.47 -14.60
N TYR A 246 -0.16 12.56 -15.23
CA TYR A 246 1.25 13.00 -15.20
C TYR A 246 1.27 14.53 -15.13
N ARG A 247 2.39 15.07 -14.67
CA ARG A 247 2.62 16.53 -14.65
C ARG A 247 4.12 16.78 -14.80
N VAL A 248 4.50 17.89 -15.40
CA VAL A 248 5.93 18.32 -15.45
C VAL A 248 6.34 18.70 -14.03
N ASP A 249 7.58 18.36 -13.65
CA ASP A 249 8.15 18.72 -12.32
C ASP A 249 8.18 20.25 -12.18
N ARG A 250 8.01 20.77 -10.95
CA ARG A 250 7.99 22.23 -10.66
C ARG A 250 9.28 22.88 -11.16
N THR A 251 10.43 22.29 -10.84
CA THR A 251 11.79 22.89 -11.04
C THR A 251 12.47 22.29 -12.26
N ASP A 252 12.50 20.95 -12.38
CA ASP A 252 13.13 20.23 -13.52
C ASP A 252 12.13 20.16 -14.68
N LEU A 253 12.18 21.11 -15.62
CA LEU A 253 11.14 21.26 -16.69
C LEU A 253 11.30 20.23 -17.80
N LYS A 254 12.32 19.38 -17.73
CA LYS A 254 12.54 18.23 -18.68
C LYS A 254 12.17 16.89 -18.03
N LEU A 255 11.58 16.91 -16.83
CA LEU A 255 11.13 15.69 -16.12
C LEU A 255 9.60 15.66 -16.08
N ALA A 256 8.97 14.60 -16.60
CA ALA A 256 7.52 14.37 -16.39
C ALA A 256 7.38 13.32 -15.28
N ARG A 257 6.54 13.61 -14.29
CA ARG A 257 6.25 12.66 -13.20
C ARG A 257 4.86 12.06 -13.40
N VAL A 258 4.81 10.76 -13.58
CA VAL A 258 3.54 9.99 -13.63
C VAL A 258 3.08 9.78 -12.19
N SER A 259 1.97 10.41 -11.77
CA SER A 259 1.48 10.31 -10.37
C SER A 259 0.77 8.96 -10.19
N GLU A 260 0.19 8.43 -11.26
CA GLU A 260 -0.69 7.26 -11.22
C GLU A 260 -0.83 6.68 -12.62
N LEU A 261 -0.55 5.39 -12.77
CA LEU A 261 -0.86 4.63 -14.00
C LEU A 261 -1.57 3.33 -13.62
N ARG A 262 -2.84 3.20 -14.04
CA ARG A 262 -3.68 2.00 -13.77
C ARG A 262 -4.06 1.39 -15.11
N ALA A 263 -3.63 0.16 -15.33
CA ALA A 263 -3.81 -0.59 -16.59
C ALA A 263 -4.30 -1.98 -16.24
N VAL A 264 -5.43 -2.34 -16.83
CA VAL A 264 -6.17 -3.59 -16.50
C VAL A 264 -5.74 -4.69 -17.49
N THR A 265 -5.25 -4.31 -18.67
CA THR A 265 -4.70 -5.24 -19.69
C THR A 265 -3.28 -4.82 -20.06
N ALA A 266 -2.51 -5.74 -20.64
CA ALA A 266 -1.12 -5.50 -21.10
C ALA A 266 -1.15 -4.51 -22.29
N ASP A 267 -2.12 -4.65 -23.18
CA ASP A 267 -2.33 -3.71 -24.32
C ASP A 267 -2.41 -2.28 -23.78
N ALA A 268 -3.26 -2.04 -22.78
CA ALA A 268 -3.48 -0.68 -22.19
C ALA A 268 -2.15 -0.15 -21.64
N HIS A 269 -1.41 -1.01 -20.94
CA HIS A 269 -0.14 -0.67 -20.25
C HIS A 269 0.88 -0.22 -21.29
N CYS A 270 1.02 -1.00 -22.36
CA CYS A 270 1.96 -0.71 -23.47
C CYS A 270 1.51 0.56 -24.20
N ALA A 271 0.23 0.67 -24.56
CA ALA A 271 -0.31 1.86 -25.27
C ALA A 271 -0.01 3.12 -24.46
N LEU A 272 -0.22 3.09 -23.15
CA LEU A 272 -0.02 4.29 -22.28
C LEU A 272 1.45 4.66 -22.28
N TRP A 273 2.36 3.68 -22.30
CA TRP A 273 3.83 3.93 -22.29
C TRP A 273 4.30 4.43 -23.65
N ARG A 274 3.72 3.96 -24.76
CA ARG A 274 3.96 4.54 -26.11
C ARG A 274 3.61 6.04 -26.07
N ALA A 275 2.47 6.42 -25.50
CA ALA A 275 2.04 7.84 -25.40
C ALA A 275 3.02 8.62 -24.51
N LEU A 276 3.43 8.09 -23.36
CA LEU A 276 4.34 8.81 -22.44
C LEU A 276 5.73 9.00 -23.06
N ILE A 277 6.27 7.98 -23.74
CA ILE A 277 7.57 8.09 -24.47
C ILE A 277 7.42 9.12 -25.62
N GLY A 278 6.20 9.45 -26.05
CA GLY A 278 5.93 10.49 -27.07
C GLY A 278 5.87 11.90 -26.51
N LEU A 279 6.14 12.13 -25.22
CA LEU A 279 6.30 13.51 -24.68
C LEU A 279 7.67 14.06 -25.12
N ASP A 280 7.76 14.50 -26.37
CA ASP A 280 9.04 14.80 -27.06
C ASP A 280 9.73 16.01 -26.41
N SER A 281 9.05 16.85 -25.62
CA SER A 281 9.71 17.98 -24.91
C SER A 281 10.38 17.52 -23.60
N MET A 282 10.13 16.30 -23.12
CA MET A 282 10.77 15.79 -21.87
C MET A 282 12.02 14.98 -22.23
N GLU A 283 13.02 15.00 -21.35
CA GLU A 283 14.20 14.09 -21.38
C GLU A 283 13.89 12.82 -20.60
N ARG A 284 13.14 12.94 -19.50
CA ARG A 284 12.93 11.85 -18.51
C ARG A 284 11.45 11.79 -18.09
N ILE A 285 10.95 10.55 -18.00
CA ILE A 285 9.65 10.17 -17.38
C ILE A 285 10.00 9.35 -16.13
N SER A 286 9.45 9.72 -14.98
CA SER A 286 9.59 8.93 -13.74
C SER A 286 8.21 8.47 -13.28
N ILE A 287 8.17 7.30 -12.65
CA ILE A 287 6.94 6.73 -12.07
C ILE A 287 7.34 5.95 -10.82
N ILE A 288 6.49 5.98 -9.79
CA ILE A 288 6.62 5.06 -8.64
C ILE A 288 5.70 3.88 -8.94
N THR A 289 6.30 2.72 -9.17
CA THR A 289 5.62 1.49 -9.63
C THR A 289 6.02 0.36 -8.67
N HIS A 290 5.99 -0.88 -9.14
CA HIS A 290 6.34 -2.08 -8.33
C HIS A 290 7.48 -2.84 -9.00
N PRO A 291 8.17 -3.76 -8.29
CA PRO A 291 9.33 -4.45 -8.86
C PRO A 291 9.05 -5.26 -10.12
N GLN A 292 7.81 -5.69 -10.36
CA GLN A 292 7.49 -6.57 -11.52
C GLN A 292 6.88 -5.76 -12.68
N ASP A 293 6.98 -4.43 -12.67
CA ASP A 293 6.48 -3.58 -13.79
C ASP A 293 7.17 -4.06 -15.05
N PRO A 294 6.41 -4.47 -16.09
CA PRO A 294 7.01 -4.97 -17.33
C PRO A 294 7.63 -3.92 -18.28
N LEU A 295 7.54 -2.64 -17.95
CA LEU A 295 8.07 -1.52 -18.79
C LEU A 295 9.48 -1.82 -19.30
N PRO A 296 10.47 -2.23 -18.47
CA PRO A 296 11.82 -2.43 -19.00
C PRO A 296 11.81 -3.37 -20.22
N HIS A 297 10.94 -4.39 -20.20
CA HIS A 297 10.88 -5.48 -21.22
C HIS A 297 10.18 -5.00 -22.50
N LEU A 298 9.46 -3.88 -22.44
CA LEU A 298 8.81 -3.26 -23.64
C LEU A 298 9.84 -2.59 -24.54
N LEU A 299 11.02 -2.30 -24.02
CA LEU A 299 12.08 -1.50 -24.70
C LEU A 299 13.14 -2.44 -25.27
N THR A 300 13.82 -2.01 -26.32
CA THR A 300 14.99 -2.71 -26.91
C THR A 300 16.17 -2.66 -25.93
N ASP A 301 16.29 -1.58 -25.15
CA ASP A 301 17.34 -1.43 -24.10
C ASP A 301 16.66 -1.37 -22.73
N THR A 302 16.56 -2.51 -22.05
CA THR A 302 15.93 -2.65 -20.69
C THR A 302 16.56 -1.68 -19.70
N ARG A 303 17.81 -1.30 -19.92
CA ARG A 303 18.60 -0.47 -18.96
C ARG A 303 18.06 0.97 -18.90
N LEU A 304 17.39 1.45 -19.96
CA LEU A 304 16.83 2.82 -20.04
C LEU A 304 15.79 3.06 -18.95
N ALA A 305 15.11 2.01 -18.49
CA ALA A 305 14.19 2.07 -17.34
C ALA A 305 15.01 1.86 -16.06
N ARG A 306 15.70 2.92 -15.60
CA ARG A 306 16.59 2.87 -14.41
C ARG A 306 15.72 2.88 -13.14
N THR A 307 16.06 1.99 -12.20
CA THR A 307 15.57 2.01 -10.80
C THR A 307 16.39 3.04 -10.03
N THR A 308 15.74 4.15 -9.69
CA THR A 308 16.34 5.36 -9.04
C THR A 308 16.00 5.39 -7.55
N TRP A 309 15.06 4.56 -7.08
CA TRP A 309 14.58 4.62 -5.67
C TRP A 309 13.76 3.40 -5.33
N ARG A 310 13.94 2.89 -4.11
CA ARG A 310 13.16 1.75 -3.59
C ARG A 310 12.84 1.95 -2.12
N GLN A 311 11.62 1.59 -1.74
CA GLN A 311 11.13 1.77 -0.37
C GLN A 311 9.92 0.86 -0.12
N ASP A 312 9.76 0.48 1.13
CA ASP A 312 8.54 -0.15 1.69
C ASP A 312 7.35 0.76 1.35
N GLY A 313 6.29 0.17 0.83
CA GLY A 313 4.99 0.86 0.65
C GLY A 313 4.08 0.59 1.82
N LEU A 314 3.10 -0.29 1.64
CA LEU A 314 2.09 -0.62 2.68
C LEU A 314 2.70 -1.56 3.72
N TRP A 315 2.46 -1.27 5.00
CA TRP A 315 2.78 -2.16 6.14
C TRP A 315 1.49 -2.85 6.61
N LEU A 316 1.56 -4.13 6.97
CA LEU A 316 0.41 -4.91 7.46
C LEU A 316 0.65 -5.39 8.89
N ARG A 317 -0.37 -5.29 9.74
CA ARG A 317 -0.44 -6.03 11.02
C ARG A 317 -1.61 -7.01 10.91
N ILE A 318 -1.29 -8.31 10.94
CA ILE A 318 -2.29 -9.41 11.02
C ILE A 318 -2.87 -9.37 12.44
N MET A 319 -4.14 -8.96 12.57
CA MET A 319 -4.83 -8.84 13.88
C MET A 319 -5.25 -10.24 14.33
N ASN A 320 -5.77 -11.03 13.40
CA ASN A 320 -6.31 -12.39 13.62
C ASN A 320 -5.64 -13.35 12.64
N VAL A 321 -4.72 -14.18 13.14
CA VAL A 321 -3.86 -15.04 12.28
C VAL A 321 -4.76 -16.01 11.52
N PRO A 322 -5.64 -16.79 12.21
CA PRO A 322 -6.50 -17.75 11.50
C PRO A 322 -7.40 -17.11 10.45
N ALA A 323 -8.11 -16.02 10.77
CA ALA A 323 -9.03 -15.37 9.80
C ALA A 323 -8.23 -14.89 8.60
N ALA A 324 -7.05 -14.29 8.81
CA ALA A 324 -6.23 -13.76 7.69
C ALA A 324 -5.68 -14.93 6.86
N LEU A 325 -5.08 -15.96 7.48
CA LEU A 325 -4.47 -17.08 6.71
C LEU A 325 -5.54 -17.83 5.92
N GLU A 326 -6.75 -17.98 6.46
CA GLU A 326 -7.82 -18.74 5.75
C GLU A 326 -8.43 -17.90 4.64
N ALA A 327 -8.33 -16.58 4.71
CA ALA A 327 -9.07 -15.68 3.79
C ALA A 327 -8.37 -15.59 2.43
N ARG A 328 -7.04 -15.61 2.36
CA ARG A 328 -6.34 -15.38 1.07
C ARG A 328 -6.28 -16.70 0.29
N GLY A 329 -6.09 -16.61 -1.03
CA GLY A 329 -5.79 -17.76 -1.91
C GLY A 329 -4.31 -18.10 -1.84
N TYR A 330 -3.95 -19.35 -2.15
CA TYR A 330 -2.54 -19.84 -2.16
C TYR A 330 -2.29 -20.44 -3.53
N ALA A 331 -1.02 -20.64 -3.87
CA ALA A 331 -0.66 -21.11 -5.22
C ALA A 331 -1.08 -22.57 -5.37
N HIS A 332 -1.82 -22.87 -6.44
CA HIS A 332 -2.33 -24.24 -6.75
C HIS A 332 -1.18 -25.18 -7.12
N GLU A 333 0.00 -24.65 -7.42
CA GLU A 333 1.15 -25.46 -7.92
C GLU A 333 1.65 -26.38 -6.81
N VAL A 334 1.83 -25.85 -5.59
CA VAL A 334 2.37 -26.64 -4.44
C VAL A 334 1.32 -27.68 -4.02
N GLY A 335 1.77 -28.92 -3.77
CA GLY A 335 0.89 -30.00 -3.33
C GLY A 335 0.42 -29.78 -1.89
N GLU A 336 -0.70 -30.39 -1.51
CA GLU A 336 -1.18 -30.33 -0.11
C GLU A 336 -0.01 -30.61 0.84
N PHE A 337 0.12 -29.78 1.88
CA PHE A 337 1.11 -29.93 2.98
C PHE A 337 0.49 -29.35 4.26
N SER A 338 1.02 -29.81 5.41
CA SER A 338 0.56 -29.45 6.77
C SER A 338 1.78 -29.08 7.59
N THR A 339 1.65 -28.12 8.49
CA THR A 339 2.74 -27.76 9.42
C THR A 339 2.13 -27.15 10.67
N VAL A 340 2.97 -26.78 11.63
CA VAL A 340 2.53 -26.03 12.84
C VAL A 340 3.28 -24.71 12.84
N LEU A 341 2.51 -23.64 12.72
CA LEU A 341 3.00 -22.24 12.77
C LEU A 341 2.73 -21.65 14.15
N GLU A 342 3.78 -21.18 14.81
CA GLU A 342 3.70 -20.28 15.99
C GLU A 342 4.07 -18.86 15.59
N VAL A 343 3.20 -17.91 15.94
CA VAL A 343 3.45 -16.45 15.98
C VAL A 343 3.79 -16.09 17.44
N SER A 344 4.91 -15.42 17.70
CA SER A 344 5.33 -14.99 19.06
C SER A 344 4.20 -14.16 19.69
N ASP A 345 3.68 -14.59 20.85
CA ASP A 345 2.61 -13.87 21.59
C ASP A 345 1.43 -13.61 20.65
N GLY A 346 1.05 -14.60 19.84
CA GLY A 346 0.00 -14.45 18.80
C GLY A 346 -0.68 -15.77 18.43
N GLY A 347 -0.32 -16.87 19.10
CA GLY A 347 -0.97 -18.19 18.95
C GLY A 347 -0.09 -19.24 18.30
N ARG A 348 -0.51 -20.49 18.38
CA ARG A 348 0.08 -21.62 17.64
C ARG A 348 -1.04 -22.32 16.87
N PHE A 349 -0.80 -22.61 15.59
CA PHE A 349 -1.81 -23.14 14.63
C PHE A 349 -1.26 -24.28 13.80
N ALA A 350 -2.11 -25.30 13.66
CA ALA A 350 -2.02 -26.35 12.62
C ALA A 350 -2.48 -25.72 11.31
N LEU A 351 -1.56 -25.59 10.37
CA LEU A 351 -1.81 -24.90 9.09
C LEU A 351 -1.74 -25.96 8.00
N LYS A 352 -2.85 -26.16 7.29
CA LYS A 352 -2.96 -27.13 6.18
C LYS A 352 -3.26 -26.34 4.92
N ILE A 353 -2.39 -26.42 3.91
CA ILE A 353 -2.57 -25.71 2.61
C ILE A 353 -2.67 -26.74 1.49
N GLY A 354 -3.76 -26.70 0.73
CA GLY A 354 -3.93 -27.50 -0.50
C GLY A 354 -5.05 -26.96 -1.36
N ASP A 355 -4.96 -27.16 -2.69
CA ASP A 355 -5.99 -26.72 -3.67
C ASP A 355 -6.19 -25.20 -3.54
N GLY A 356 -5.12 -24.46 -3.28
CA GLY A 356 -5.13 -22.99 -3.22
C GLY A 356 -5.78 -22.43 -1.95
N ARG A 357 -6.17 -23.28 -0.99
CA ARG A 357 -6.90 -22.84 0.23
C ARG A 357 -6.13 -23.31 1.46
N ALA A 358 -6.28 -22.59 2.57
CA ALA A 358 -5.64 -22.93 3.85
C ALA A 358 -6.71 -23.15 4.92
N ARG A 359 -6.49 -24.14 5.78
CA ARG A 359 -7.26 -24.30 7.04
C ARG A 359 -6.27 -24.09 8.20
N CYS A 360 -6.61 -23.19 9.12
CA CYS A 360 -5.72 -22.76 10.24
C CYS A 360 -6.46 -22.98 11.56
N THR A 361 -6.03 -23.96 12.36
CA THR A 361 -6.76 -24.41 13.58
C THR A 361 -5.84 -24.38 14.81
N PRO A 362 -6.40 -24.14 16.01
CA PRO A 362 -5.61 -24.14 17.25
C PRO A 362 -4.95 -25.50 17.49
N THR A 363 -3.75 -25.51 18.07
CA THR A 363 -3.03 -26.75 18.43
C THR A 363 -2.02 -26.46 19.53
N ASP A 364 -1.64 -27.47 20.30
CA ASP A 364 -0.55 -27.34 21.29
C ASP A 364 0.63 -28.22 20.85
N ALA A 365 0.53 -28.81 19.64
CA ALA A 365 1.60 -29.63 19.04
C ALA A 365 2.87 -28.78 18.87
N ALA A 366 4.04 -29.44 18.80
CA ALA A 366 5.35 -28.79 18.59
C ALA A 366 5.29 -27.88 17.36
N ALA A 367 5.78 -26.65 17.47
CA ALA A 367 5.89 -25.70 16.33
C ALA A 367 6.97 -26.21 15.36
N GLU A 368 6.70 -26.13 14.05
CA GLU A 368 7.69 -26.40 12.99
C GLU A 368 8.19 -25.08 12.40
N ILE A 369 7.40 -24.01 12.50
CA ILE A 369 7.74 -22.64 12.01
C ILE A 369 7.42 -21.65 13.12
N GLU A 370 8.38 -20.81 13.49
CA GLU A 370 8.18 -19.69 14.45
C GLU A 370 8.52 -18.38 13.75
N MET A 371 7.76 -17.33 14.05
CA MET A 371 8.04 -15.96 13.58
C MET A 371 7.23 -14.94 14.39
N ASP A 372 7.77 -13.74 14.54
CA ASP A 372 7.06 -12.56 15.09
C ASP A 372 5.90 -12.20 14.16
N ARG A 373 4.90 -11.48 14.68
CA ARG A 373 3.68 -11.13 13.92
C ARG A 373 4.03 -10.29 12.68
N ASP A 374 4.99 -9.36 12.79
CA ASP A 374 5.39 -8.44 11.70
C ASP A 374 5.84 -9.25 10.49
N VAL A 375 6.62 -10.32 10.73
CA VAL A 375 7.17 -11.21 9.66
C VAL A 375 6.00 -11.77 8.86
N LEU A 376 4.94 -12.20 9.56
CA LEU A 376 3.76 -12.78 8.86
C LEU A 376 3.16 -11.73 7.93
N GLY A 377 2.98 -10.49 8.40
CA GLY A 377 2.44 -9.38 7.59
C GLY A 377 3.27 -9.16 6.33
N SER A 378 4.60 -9.30 6.44
CA SER A 378 5.56 -9.15 5.31
C SER A 378 5.38 -10.29 4.27
N LEU A 379 5.05 -11.50 4.72
CA LEU A 379 4.82 -12.69 3.83
C LEU A 379 3.46 -12.60 3.14
N TYR A 380 2.50 -11.92 3.76
CA TYR A 380 1.06 -12.15 3.54
C TYR A 380 0.63 -11.82 2.11
N LEU A 381 1.16 -10.76 1.49
CA LEU A 381 0.72 -10.34 0.13
C LEU A 381 1.68 -10.87 -0.95
N GLY A 382 2.76 -11.56 -0.58
CA GLY A 382 3.69 -12.19 -1.54
C GLY A 382 4.90 -11.35 -1.90
N ALA A 383 5.15 -10.21 -1.25
CA ALA A 383 6.26 -9.27 -1.61
C ALA A 383 7.62 -9.79 -1.12
N HIS A 384 7.65 -10.55 -0.03
CA HIS A 384 8.89 -11.07 0.59
C HIS A 384 8.79 -12.60 0.61
N ARG A 385 9.91 -13.26 0.30
CA ARG A 385 10.01 -14.73 0.28
C ARG A 385 10.30 -15.23 1.69
N ALA A 386 9.59 -16.27 2.15
CA ALA A 386 9.86 -16.91 3.45
C ALA A 386 11.35 -17.29 3.54
N SER A 387 11.95 -17.78 2.47
CA SER A 387 13.36 -18.25 2.52
C SER A 387 14.31 -17.05 2.69
N THR A 388 13.91 -15.84 2.31
CA THR A 388 14.75 -14.63 2.49
C THR A 388 14.71 -14.19 3.96
N LEU A 389 13.52 -14.19 4.55
CA LEU A 389 13.32 -13.87 5.98
C LEU A 389 14.00 -14.92 6.86
N ALA A 390 13.98 -16.18 6.43
CA ALA A 390 14.64 -17.29 7.16
C ALA A 390 16.15 -17.08 7.19
N ALA A 391 16.73 -16.61 6.08
CA ALA A 391 18.19 -16.37 5.97
C ALA A 391 18.62 -15.30 6.97
N ALA A 392 17.71 -14.41 7.40
CA ALA A 392 17.98 -13.36 8.39
C ALA A 392 17.53 -13.82 9.78
N ASN A 393 17.00 -15.04 9.84
CA ASN A 393 16.54 -15.66 11.10
C ASN A 393 15.32 -14.91 11.66
N ARG A 394 14.54 -14.23 10.82
CA ARG A 394 13.27 -13.57 11.26
C ARG A 394 12.17 -14.64 11.33
N LEU A 395 12.46 -15.82 10.79
CA LEU A 395 11.53 -16.95 10.58
C LEU A 395 12.35 -18.24 10.76
N ARG A 396 12.04 -19.05 11.77
CA ARG A 396 12.88 -20.22 12.16
C ARG A 396 12.11 -21.51 11.87
N THR A 397 12.78 -22.43 11.18
CA THR A 397 12.35 -23.83 10.97
C THR A 397 13.62 -24.68 10.83
N LYS A 398 13.52 -26.00 11.06
CA LYS A 398 14.64 -26.96 10.89
C LYS A 398 14.36 -27.85 9.68
N ASP A 399 13.33 -27.50 8.91
CA ASP A 399 12.92 -28.21 7.67
C ASP A 399 13.04 -27.27 6.46
N SER A 400 14.02 -27.47 5.58
CA SER A 400 14.27 -26.60 4.40
C SER A 400 13.24 -26.93 3.30
N GLN A 401 12.72 -28.15 3.29
CA GLN A 401 11.61 -28.54 2.38
C GLN A 401 10.36 -27.71 2.69
N LEU A 402 10.08 -27.50 3.98
CA LEU A 402 8.90 -26.73 4.46
C LEU A 402 9.04 -25.26 4.05
N LEU A 403 10.26 -24.73 4.13
CA LEU A 403 10.59 -23.36 3.69
C LEU A 403 10.24 -23.20 2.20
N ARG A 404 10.69 -24.16 1.38
CA ARG A 404 10.42 -24.12 -0.08
C ARG A 404 8.92 -24.12 -0.31
N ARG A 405 8.17 -24.90 0.48
CA ARG A 405 6.70 -25.05 0.28
C ARG A 405 5.98 -23.78 0.70
N LEU A 406 6.41 -23.18 1.81
CA LEU A 406 5.83 -21.87 2.24
C LEU A 406 6.07 -20.82 1.17
N ASP A 407 7.32 -20.71 0.70
CA ASP A 407 7.71 -19.76 -0.37
C ASP A 407 6.72 -19.91 -1.54
N ALA A 408 6.54 -21.13 -2.03
CA ALA A 408 5.76 -21.39 -3.26
C ALA A 408 4.28 -21.11 -2.96
N ALA A 409 3.81 -21.42 -1.75
CA ALA A 409 2.37 -21.32 -1.43
C ALA A 409 1.97 -19.85 -1.26
N PHE A 410 2.80 -19.04 -0.60
CA PHE A 410 2.48 -17.63 -0.25
C PHE A 410 2.77 -16.70 -1.44
N ALA A 411 3.50 -17.17 -2.46
CA ALA A 411 3.70 -16.44 -3.74
C ALA A 411 2.33 -16.01 -4.26
N SER A 412 2.29 -14.85 -4.93
CA SER A 412 1.08 -14.30 -5.60
C SER A 412 1.26 -14.42 -7.13
N ASP A 413 0.27 -15.05 -7.78
CA ASP A 413 0.20 -15.16 -9.26
C ASP A 413 0.30 -13.75 -9.85
N VAL A 414 -0.57 -12.84 -9.42
CA VAL A 414 -0.56 -11.40 -9.82
C VAL A 414 0.41 -10.64 -8.93
N PRO A 415 1.38 -9.88 -9.50
CA PRO A 415 2.35 -9.16 -8.67
C PRO A 415 1.65 -8.15 -7.74
N VAL A 416 2.12 -8.04 -6.49
CA VAL A 416 1.54 -7.11 -5.48
C VAL A 416 1.97 -5.69 -5.84
N GLN A 417 1.02 -4.76 -5.76
CA GLN A 417 1.19 -3.32 -6.06
C GLN A 417 0.71 -2.50 -4.86
N THR A 418 0.93 -1.19 -4.91
CA THR A 418 0.59 -0.22 -3.83
C THR A 418 -0.44 0.72 -4.42
N ALA A 419 -1.61 0.84 -3.79
CA ALA A 419 -2.77 1.55 -4.37
C ALA A 419 -2.56 3.06 -4.21
N PHE A 420 -2.67 3.57 -2.98
CA PHE A 420 -2.52 5.01 -2.69
C PHE A 420 -2.12 5.13 -1.23
N GLU A 421 -1.37 6.18 -0.95
CA GLU A 421 -0.89 6.49 0.40
C GLU A 421 -2.06 7.04 1.22
N PHE A 422 -2.10 6.68 2.51
CA PHE A 422 -3.10 7.16 3.50
C PHE A 422 -2.34 7.36 4.81
S DMS B . 11.46 9.92 -5.29
O DMS B . 11.15 10.17 -3.84
C1 DMS B . 13.17 10.37 -5.51
C2 DMS B . 10.72 11.26 -6.19
S DMS C . 2.52 0.71 -8.00
O DMS C . 1.02 0.57 -8.19
C1 DMS C . 3.00 -0.52 -6.86
C2 DMS C . 2.76 2.13 -6.94
S DMS D . -2.70 -16.59 -6.03
O DMS D . -4.14 -17.01 -6.02
C1 DMS D . -1.84 -17.80 -6.99
C2 DMS D . -2.04 -17.05 -4.47
C1 GOL E . 1.31 4.49 -4.38
O1 GOL E . 0.99 4.46 -5.76
C2 GOL E . 1.72 5.87 -3.93
O2 GOL E . 2.19 5.82 -2.57
C3 GOL E . 2.76 6.49 -4.83
O3 GOL E . 3.85 7.05 -4.09
C1 XEH F . -1.70 11.51 1.93
C2 XEH F . -1.10 10.86 2.99
C3 XEH F . -1.73 10.85 4.21
C4 XEH F . -2.96 11.48 4.40
C5 XEH F . -3.65 11.47 5.68
C6 XEH F . -6.41 11.46 7.56
C12 XEH F . -3.54 12.12 3.30
C13 XEH F . -2.91 12.14 2.07
CL1 XEH F . -0.91 11.53 0.38
N1 XEH F . -4.92 11.44 5.70
N2 XEH F . -5.51 10.79 6.75
C7 XEH F . -6.22 12.82 7.81
C8 XEH F . -7.12 13.51 8.61
C9 XEH F . -8.19 12.82 9.13
F1 XEH F . -9.05 13.49 9.93
C10 XEH F . -8.40 11.49 8.90
C11 XEH F . -7.51 10.79 8.10
C1 GOL G . 0.33 7.83 10.47
O1 GOL G . 0.94 9.10 10.27
C2 GOL G . 1.12 6.71 9.84
O2 GOL G . 1.51 7.11 8.53
C3 GOL G . 2.34 6.30 10.64
O3 GOL G . 3.55 6.78 10.09
C1 GOL H . -4.67 -7.62 18.47
O1 GOL H . -4.47 -8.72 17.58
C2 GOL H . -3.90 -7.77 19.77
O2 GOL H . -2.59 -8.26 19.50
C3 GOL H . -3.83 -6.49 20.56
O3 GOL H . -5.09 -5.85 20.69
C1 PEG I . 1.85 1.53 -12.52
O1 PEG I . 2.40 1.73 -11.22
C2 PEG I . 2.08 0.14 -13.03
O2 PEG I . 0.89 -0.42 -13.57
C3 PEG I . 0.90 -1.84 -13.58
C4 PEG I . 2.21 -2.36 -14.15
O4 PEG I . 2.16 -3.73 -14.46
#